data_4XLT
#
_entry.id   4XLT
#
_cell.length_a   62.945
_cell.length_b   62.945
_cell.length_c   69.486
_cell.angle_alpha   90.00
_cell.angle_beta   90.00
_cell.angle_gamma   120.00
#
_symmetry.space_group_name_H-M   'P 63'
#
loop_
_entity.id
_entity.type
_entity.pdbx_description
1 polymer 'Response regulator receiver protein'
2 water water
#
_entity_poly.entity_id   1
_entity_poly.type   'polypeptide(L)'
_entity_poly.pdbx_seq_one_letter_code
;SNA(MSE)DFIIVDDSVFDLFTQEKLLLKSGLTTSVRTFNSAQAAIDHLRSQGADIPDTVILLDLQ(MSE)PGINGFEFT
EHYG(MSE)LPEAVRARIRLF(MSE)ISSTVDISDIEQAEANPHIIQLLPKPLEIPLLRELLKRWFPSI
;
_entity_poly.pdbx_strand_id   A
#
# COMPACT_ATOMS: atom_id res chain seq x y z
N ALA A 3 -4.01 6.99 -14.26
CA ALA A 3 -4.72 5.73 -14.11
C ALA A 3 -3.96 4.80 -13.17
N ASP A 5 -4.10 1.68 -9.99
CA ASP A 5 -4.80 0.67 -9.21
C ASP A 5 -4.39 0.82 -7.74
N PHE A 6 -5.31 0.49 -6.84
CA PHE A 6 -5.01 0.55 -5.42
C PHE A 6 -5.24 -0.81 -4.77
N ILE A 7 -4.25 -1.24 -3.99
CA ILE A 7 -4.35 -2.48 -3.25
C ILE A 7 -4.21 -2.18 -1.76
N ILE A 8 -5.25 -2.51 -0.99
CA ILE A 8 -5.20 -2.29 0.45
C ILE A 8 -5.04 -3.62 1.16
N VAL A 9 -4.09 -3.69 2.08
CA VAL A 9 -3.83 -4.89 2.87
C VAL A 9 -3.95 -4.56 4.36
N ASP A 10 -5.04 -5.01 4.97
CA ASP A 10 -5.33 -4.68 6.36
C ASP A 10 -6.10 -5.82 7.03
N ASP A 11 -5.66 -6.22 8.23
CA ASP A 11 -6.32 -7.29 8.95
C ASP A 11 -7.63 -6.81 9.58
N SER A 12 -7.75 -5.49 9.72
CA SER A 12 -8.98 -4.90 10.24
C SER A 12 -10.02 -4.74 9.12
N VAL A 13 -11.10 -5.50 9.22
CA VAL A 13 -12.13 -5.51 8.20
C VAL A 13 -12.83 -4.15 8.13
N PHE A 14 -13.05 -3.54 9.29
CA PHE A 14 -13.63 -2.19 9.34
C PHE A 14 -12.73 -1.18 8.62
N ASP A 15 -11.45 -1.16 8.97
CA ASP A 15 -10.51 -0.24 8.34
C ASP A 15 -10.37 -0.52 6.84
N LEU A 16 -10.40 -1.79 6.47
CA LEU A 16 -10.26 -2.20 5.08
C LEU A 16 -11.35 -1.59 4.19
N PHE A 17 -12.60 -1.84 4.55
CA PHE A 17 -13.74 -1.34 3.76
C PHE A 17 -13.89 0.16 3.85
N THR A 18 -13.60 0.73 5.02
CA THR A 18 -13.67 2.17 5.20
C THR A 18 -12.69 2.90 4.29
N GLN A 19 -11.46 2.41 4.28
N GLN A 19 -11.45 2.42 4.26
CA GLN A 19 -10.41 2.99 3.43
CA GLN A 19 -10.42 3.03 3.43
C GLN A 19 -10.79 2.88 1.96
C GLN A 19 -10.75 2.87 1.95
N GLU A 20 -11.32 1.72 1.59
CA GLU A 20 -11.76 1.48 0.22
C GLU A 20 -12.81 2.49 -0.19
N LYS A 21 -13.74 2.75 0.74
CA LYS A 21 -14.83 3.71 0.53
C LYS A 21 -14.28 5.11 0.24
N LEU A 22 -13.33 5.55 1.06
CA LEU A 22 -12.77 6.90 0.94
C LEU A 22 -12.02 7.09 -0.38
N LEU A 23 -11.22 6.09 -0.76
CA LEU A 23 -10.46 6.15 -2.00
C LEU A 23 -11.37 6.21 -3.22
N LEU A 24 -12.48 5.47 -3.17
CA LEU A 24 -13.46 5.50 -4.23
C LEU A 24 -14.23 6.82 -4.23
N LYS A 25 -14.43 7.37 -3.03
CA LYS A 25 -15.17 8.62 -2.87
C LYS A 25 -14.46 9.78 -3.56
N SER A 26 -13.13 9.73 -3.58
CA SER A 26 -12.35 10.71 -4.31
C SER A 26 -12.09 10.22 -5.73
N GLY A 27 -11.62 11.11 -6.59
CA GLY A 27 -11.29 10.75 -7.95
C GLY A 27 -9.87 10.23 -8.07
N LEU A 28 -9.34 9.75 -6.95
CA LEU A 28 -7.96 9.29 -6.89
C LEU A 28 -7.78 7.96 -7.60
N THR A 29 -8.83 7.14 -7.60
CA THR A 29 -8.80 5.84 -8.25
C THR A 29 -10.20 5.29 -8.47
N THR A 30 -10.32 4.31 -9.35
CA THR A 30 -11.61 3.70 -9.64
C THR A 30 -11.55 2.17 -9.43
N SER A 31 -10.35 1.66 -9.19
CA SER A 31 -10.16 0.23 -8.98
C SER A 31 -9.43 -0.07 -7.67
N VAL A 32 -10.19 -0.42 -6.65
CA VAL A 32 -9.63 -0.76 -5.36
C VAL A 32 -9.76 -2.25 -5.06
N ARG A 33 -8.63 -2.91 -4.87
CA ARG A 33 -8.61 -4.31 -4.49
C ARG A 33 -8.29 -4.41 -3.00
N THR A 34 -9.05 -5.22 -2.27
CA THR A 34 -8.86 -5.31 -0.82
C THR A 34 -8.47 -6.71 -0.37
N PHE A 35 -7.48 -6.79 0.52
CA PHE A 35 -7.04 -8.07 1.06
C PHE A 35 -7.00 -8.05 2.58
N ASN A 36 -7.55 -9.10 3.18
CA ASN A 36 -7.65 -9.23 4.62
C ASN A 36 -6.43 -9.96 5.20
N SER A 37 -5.61 -10.49 4.31
CA SER A 37 -4.42 -11.24 4.72
C SER A 37 -3.24 -11.01 3.78
N ALA A 38 -2.04 -11.00 4.35
CA ALA A 38 -0.81 -10.83 3.58
C ALA A 38 -0.64 -11.96 2.55
N GLN A 39 -1.02 -13.17 2.94
CA GLN A 39 -0.90 -14.32 2.05
C GLN A 39 -1.70 -14.12 0.76
N ALA A 40 -2.97 -13.77 0.92
CA ALA A 40 -3.84 -13.52 -0.23
C ALA A 40 -3.35 -12.35 -1.07
N ALA A 41 -2.80 -11.33 -0.41
CA ALA A 41 -2.20 -10.21 -1.09
C ALA A 41 -0.98 -10.64 -1.90
N ILE A 42 -0.11 -11.42 -1.26
CA ILE A 42 1.09 -11.92 -1.92
C ILE A 42 0.74 -12.84 -3.08
N ASP A 43 -0.24 -13.72 -2.87
CA ASP A 43 -0.71 -14.62 -3.90
C ASP A 43 -1.16 -13.88 -5.16
N HIS A 44 -1.93 -12.81 -4.96
CA HIS A 44 -2.39 -11.99 -6.07
C HIS A 44 -1.24 -11.34 -6.82
N LEU A 45 -0.25 -10.85 -6.07
CA LEU A 45 0.91 -10.20 -6.67
C LEU A 45 1.78 -11.17 -7.47
N ARG A 46 1.85 -12.41 -7.02
CA ARG A 46 2.67 -13.42 -7.69
C ARG A 46 2.10 -13.82 -9.04
N SER A 47 0.85 -13.46 -9.29
CA SER A 47 0.21 -13.78 -10.56
C SER A 47 0.28 -12.62 -11.54
N GLN A 48 0.87 -11.51 -11.10
CA GLN A 48 0.96 -10.31 -11.94
C GLN A 48 2.25 -10.28 -12.75
N GLY A 49 2.21 -9.58 -13.87
CA GLY A 49 3.39 -9.38 -14.70
C GLY A 49 3.78 -7.91 -14.70
N ALA A 50 4.71 -7.55 -15.58
CA ALA A 50 5.15 -6.16 -15.69
C ALA A 50 4.21 -5.35 -16.55
N ASP A 51 3.07 -5.94 -16.91
CA ASP A 51 2.08 -5.26 -17.73
C ASP A 51 0.98 -4.63 -16.90
N ILE A 52 1.11 -4.72 -15.57
CA ILE A 52 0.12 -4.16 -14.66
C ILE A 52 0.20 -2.64 -14.62
N PRO A 53 -0.94 -1.97 -14.40
CA PRO A 53 -0.98 -0.51 -14.28
C PRO A 53 -0.16 0.01 -13.09
N ASP A 54 0.06 1.31 -13.05
CA ASP A 54 0.64 1.96 -11.88
C ASP A 54 -0.17 1.56 -10.65
N THR A 55 0.47 0.89 -9.71
CA THR A 55 -0.24 0.33 -8.58
C THR A 55 0.27 0.86 -7.25
N VAL A 56 -0.66 1.33 -6.42
CA VAL A 56 -0.34 1.75 -5.06
C VAL A 56 -0.79 0.69 -4.07
N ILE A 57 0.11 0.29 -3.17
CA ILE A 57 -0.25 -0.67 -2.13
C ILE A 57 -0.21 -0.03 -0.75
N LEU A 58 -1.35 -0.07 -0.06
CA LEU A 58 -1.45 0.44 1.30
C LEU A 58 -1.42 -0.73 2.28
N LEU A 59 -0.32 -0.82 3.02
CA LEU A 59 -0.10 -1.96 3.91
C LEU A 59 -0.18 -1.54 5.37
N ASP A 60 -1.01 -2.22 6.15
CA ASP A 60 -1.14 -1.91 7.56
C ASP A 60 0.06 -2.40 8.35
N LEU A 61 0.49 -1.61 9.32
CA LEU A 61 1.66 -1.93 10.13
C LEU A 61 1.40 -3.07 11.13
N GLN A 62 0.53 -2.81 12.11
CA GLN A 62 0.23 -3.81 13.13
C GLN A 62 -0.68 -4.91 12.57
N ILE A 66 1.00 -12.80 8.78
CA ILE A 66 2.24 -12.02 8.76
C ILE A 66 1.96 -10.53 8.95
N ASN A 67 2.90 -9.84 9.56
CA ASN A 67 2.78 -8.39 9.78
C ASN A 67 3.31 -7.59 8.59
N GLY A 68 3.65 -6.32 8.84
CA GLY A 68 4.15 -5.46 7.78
C GLY A 68 5.56 -5.78 7.33
N PHE A 69 6.44 -6.05 8.29
CA PHE A 69 7.84 -6.30 7.99
C PHE A 69 8.12 -7.78 7.74
N GLU A 70 7.05 -8.57 7.66
CA GLU A 70 7.14 -9.94 7.15
C GLU A 70 6.57 -9.97 5.75
N PHE A 71 5.61 -9.08 5.50
CA PHE A 71 5.02 -8.93 4.18
C PHE A 71 6.07 -8.44 3.18
N THR A 72 6.90 -7.51 3.61
CA THR A 72 7.91 -6.93 2.74
C THR A 72 8.97 -7.96 2.34
N GLU A 73 9.19 -8.93 3.22
CA GLU A 73 10.16 -9.99 2.93
C GLU A 73 9.67 -10.84 1.76
N HIS A 74 8.39 -11.19 1.78
CA HIS A 74 7.78 -11.91 0.67
C HIS A 74 7.63 -11.01 -0.54
N TYR A 75 7.40 -9.73 -0.29
CA TYR A 75 7.27 -8.74 -1.36
C TYR A 75 8.59 -8.57 -2.11
N GLY A 76 9.69 -8.59 -1.37
CA GLY A 76 11.02 -8.46 -1.97
C GLY A 76 11.39 -9.63 -2.85
N LEU A 78 9.24 -10.89 -5.09
CA LEU A 78 8.62 -10.64 -6.39
C LEU A 78 9.66 -10.16 -7.38
N PRO A 79 9.44 -10.43 -8.69
CA PRO A 79 10.37 -9.97 -9.71
C PRO A 79 10.49 -8.45 -9.71
N GLU A 80 11.68 -7.93 -9.98
CA GLU A 80 11.92 -6.50 -9.94
C GLU A 80 11.06 -5.76 -10.97
N ALA A 81 10.73 -6.44 -12.06
CA ALA A 81 9.95 -5.84 -13.13
C ALA A 81 8.52 -5.51 -12.69
N VAL A 82 7.98 -6.25 -11.73
CA VAL A 82 6.64 -5.95 -11.25
C VAL A 82 6.69 -4.97 -10.08
N ARG A 83 7.76 -5.02 -9.31
CA ARG A 83 7.96 -4.08 -8.20
C ARG A 83 8.16 -2.66 -8.70
N ALA A 84 8.70 -2.53 -9.91
CA ALA A 84 8.94 -1.22 -10.50
C ALA A 84 7.63 -0.52 -10.88
N ARG A 85 6.55 -1.29 -10.97
CA ARG A 85 5.24 -0.76 -11.33
C ARG A 85 4.43 -0.44 -10.09
N ILE A 86 5.06 -0.62 -8.93
CA ILE A 86 4.36 -0.51 -7.65
C ILE A 86 5.02 0.50 -6.72
N ARG A 87 4.19 1.25 -6.00
CA ARG A 87 4.66 2.10 -4.90
C ARG A 87 3.98 1.65 -3.61
N LEU A 88 4.78 1.16 -2.67
CA LEU A 88 4.27 0.55 -1.45
C LEU A 88 4.36 1.51 -0.26
N PHE A 89 3.24 1.69 0.44
CA PHE A 89 3.19 2.58 1.60
C PHE A 89 2.71 1.86 2.84
N ILE A 91 0.80 2.00 6.46
CA ILE A 91 -0.21 2.80 7.15
C ILE A 91 -0.43 2.27 8.57
N SER A 92 -0.69 3.19 9.50
CA SER A 92 -0.90 2.81 10.90
C SER A 92 -1.56 3.91 11.69
N SER A 93 -2.30 3.52 12.74
CA SER A 93 -2.94 4.46 13.63
C SER A 93 -1.95 4.96 14.68
N THR A 94 -1.07 4.06 15.13
CA THR A 94 -0.02 4.42 16.08
C THR A 94 1.29 4.63 15.36
N VAL A 95 2.01 5.70 15.72
CA VAL A 95 3.26 6.03 15.04
C VAL A 95 4.34 6.51 16.01
N ASP A 96 5.09 5.57 16.57
CA ASP A 96 6.24 5.89 17.41
C ASP A 96 7.48 6.03 16.53
N ILE A 97 8.46 6.79 17.00
CA ILE A 97 9.66 7.09 16.21
C ILE A 97 10.44 5.83 15.80
N SER A 98 10.19 4.72 16.49
CA SER A 98 10.83 3.46 16.16
C SER A 98 10.27 2.87 14.87
N ASP A 99 8.97 3.05 14.66
CA ASP A 99 8.31 2.57 13.45
C ASP A 99 8.80 3.36 12.24
N ILE A 100 8.93 4.68 12.42
CA ILE A 100 9.39 5.57 11.36
C ILE A 100 10.78 5.19 10.87
N GLU A 101 11.67 4.89 11.82
CA GLU A 101 13.04 4.54 11.50
C GLU A 101 13.13 3.24 10.69
N GLN A 102 12.30 2.27 11.05
CA GLN A 102 12.29 0.98 10.38
C GLN A 102 11.75 1.08 8.96
N ALA A 103 10.67 1.83 8.81
CA ALA A 103 10.08 2.08 7.49
C ALA A 103 11.08 2.77 6.60
N GLU A 104 11.78 3.75 7.17
CA GLU A 104 12.83 4.49 6.47
C GLU A 104 13.94 3.55 6.01
N ALA A 105 14.29 2.59 6.85
CA ALA A 105 15.35 1.63 6.55
C ALA A 105 14.91 0.59 5.51
N ASN A 106 13.62 0.30 5.48
CA ASN A 106 13.08 -0.68 4.54
C ASN A 106 12.94 -0.08 3.14
N PRO A 107 13.68 -0.65 2.17
CA PRO A 107 13.74 -0.15 0.78
C PRO A 107 12.37 -0.15 0.09
N HIS A 108 11.55 -1.14 0.41
CA HIS A 108 10.26 -1.29 -0.28
C HIS A 108 9.20 -0.36 0.29
N ILE A 109 9.38 0.03 1.55
CA ILE A 109 8.45 0.98 2.17
C ILE A 109 8.86 2.41 1.86
N ILE A 110 8.10 3.07 0.99
CA ILE A 110 8.40 4.43 0.58
C ILE A 110 8.22 5.40 1.75
N GLN A 111 7.07 5.32 2.41
CA GLN A 111 6.76 6.24 3.49
C GLN A 111 5.68 5.67 4.40
N LEU A 112 5.79 5.98 5.68
CA LEU A 112 4.79 5.58 6.65
C LEU A 112 3.71 6.66 6.75
N LEU A 113 2.47 6.28 6.44
CA LEU A 113 1.35 7.21 6.50
C LEU A 113 0.47 6.94 7.72
N PRO A 114 -0.05 8.00 8.33
CA PRO A 114 -0.90 7.85 9.52
C PRO A 114 -2.34 7.48 9.18
N LYS A 115 -3.03 6.82 10.13
CA LYS A 115 -4.46 6.57 10.01
C LYS A 115 -5.25 7.62 10.79
N PRO A 116 -6.37 8.09 10.21
CA PRO A 116 -6.88 7.70 8.90
C PRO A 116 -6.13 8.35 7.76
N LEU A 117 -6.26 7.79 6.56
CA LEU A 117 -5.52 8.28 5.40
C LEU A 117 -5.95 9.68 4.99
N GLU A 118 -4.98 10.58 4.83
CA GLU A 118 -5.25 11.92 4.32
C GLU A 118 -5.15 11.92 2.80
N ILE A 119 -6.30 11.93 2.14
CA ILE A 119 -6.36 11.90 0.68
C ILE A 119 -5.55 13.02 -0.01
N PRO A 120 -5.69 14.28 0.46
CA PRO A 120 -4.87 15.29 -0.23
C PRO A 120 -3.37 15.08 -0.04
N LEU A 121 -2.99 14.53 1.11
CA LEU A 121 -1.59 14.25 1.40
C LEU A 121 -1.06 13.15 0.47
N LEU A 122 -1.90 12.16 0.22
CA LEU A 122 -1.50 11.02 -0.61
C LEU A 122 -1.50 11.40 -2.09
N ARG A 123 -2.50 12.17 -2.50
CA ARG A 123 -2.62 12.61 -3.89
C ARG A 123 -1.39 13.42 -4.31
N GLU A 124 -0.90 14.26 -3.41
CA GLU A 124 0.30 15.04 -3.70
C GLU A 124 1.51 14.12 -3.75
N LEU A 125 1.53 13.15 -2.84
CA LEU A 125 2.62 12.19 -2.75
C LEU A 125 2.68 11.29 -4.00
N LEU A 126 1.54 11.08 -4.63
CA LEU A 126 1.50 10.27 -5.85
C LEU A 126 2.12 11.00 -7.03
N LYS A 127 2.11 12.33 -6.99
CA LYS A 127 2.75 13.14 -8.02
C LYS A 127 4.26 12.88 -8.04
N ARG A 128 4.81 12.67 -6.85
CA ARG A 128 6.24 12.42 -6.70
C ARG A 128 6.66 11.05 -7.21
N TRP A 129 5.84 10.04 -6.96
CA TRP A 129 6.26 8.67 -7.18
C TRP A 129 5.66 8.03 -8.43
N PHE A 130 4.58 8.64 -8.94
CA PHE A 130 4.04 8.27 -10.24
C PHE A 130 3.89 9.52 -11.10
N PRO A 131 5.01 10.02 -11.63
CA PRO A 131 5.12 11.33 -12.29
C PRO A 131 4.37 11.44 -13.62
N SER A 132 4.74 12.46 -14.39
CA SER A 132 4.05 12.81 -15.64
C SER A 132 2.56 13.06 -15.38
#